data_4OHA
#
_entry.id   4OHA
#
_cell.length_a   56.189
_cell.length_b   66.506
_cell.length_c   68.355
_cell.angle_alpha   90.00
_cell.angle_beta   90.00
_cell.angle_gamma   90.00
#
_symmetry.space_group_name_H-M   'P 21 21 21'
#
loop_
_entity.id
_entity.type
_entity.pdbx_description
1 polymer 'Androgen receptor'
2 polymer 'co-regulator peptide'
3 non-polymer HYDROXYFLUTAMIDE
4 non-polymer 'SULFATE ION'
5 water water
#
loop_
_entity_poly.entity_id
_entity_poly.type
_entity_poly.pdbx_seq_one_letter_code
_entity_poly.pdbx_strand_id
1 'polypeptide(L)'
;QPIFLNVLEAIEPGVVCAGHDNNQPDSFAALLSSLNELGERQLVHVVKWAKALPGFRNLHVDDQMAVIQYSWMGLMVFAM
GWRSFTNVNSAMLYFAPDLVFNEYRMHKSRMYSQCVRMRHLSQEFGWLQITPQEFLCMKALLLFSIIPVDGLKNQKFFDE
LRMNYIKELDRIIACKRKNPTSCSRRFYQLTKLLDSVQPIARELHQFAFDLLIKSHMVSVDFPEMMAEIISVQVPKILSG
KVKPIYFHTQ
;
A
2 'polypeptide(L)' SDSAFSRLYTRS B
#
loop_
_chem_comp.id
_chem_comp.type
_chem_comp.name
_chem_comp.formula
HFT non-polymer HYDROXYFLUTAMIDE 'C11 H11 F3 N2 O4'
SO4 non-polymer 'SULFATE ION' 'O4 S -2'
#
# COMPACT_ATOMS: atom_id res chain seq x y z
N PRO A 2 16.27 -18.89 9.55
CA PRO A 2 15.83 -17.92 8.55
C PRO A 2 15.58 -16.53 9.21
N ILE A 3 16.69 -15.86 9.53
CA ILE A 3 16.59 -14.62 10.34
C ILE A 3 15.74 -13.56 9.67
N PHE A 4 15.93 -13.24 8.39
CA PHE A 4 15.21 -12.23 7.74
C PHE A 4 13.72 -12.50 7.71
N LEU A 5 13.31 -13.69 7.28
CA LEU A 5 11.90 -14.03 7.30
C LEU A 5 11.28 -14.12 8.64
N ASN A 6 12.04 -14.59 9.64
CA ASN A 6 11.59 -14.56 11.01
C ASN A 6 11.14 -13.15 11.39
N VAL A 7 11.97 -12.16 11.06
CA VAL A 7 11.64 -10.78 11.39
C VAL A 7 10.41 -10.30 10.66
N LEU A 8 10.33 -10.59 9.35
CA LEU A 8 9.12 -10.13 8.61
C LEU A 8 7.83 -10.70 9.12
N GLU A 9 7.88 -11.98 9.51
CA GLU A 9 6.69 -12.59 10.07
C GLU A 9 6.35 -11.93 11.39
N ALA A 10 7.37 -11.72 12.22
CA ALA A 10 7.15 -11.19 13.57
C ALA A 10 6.57 -9.81 13.57
N ILE A 11 6.91 -8.95 12.58
CA ILE A 11 6.45 -7.56 12.59
C ILE A 11 5.17 -7.34 11.82
N GLU A 12 4.65 -8.34 11.18
CA GLU A 12 3.49 -8.19 10.30
C GLU A 12 2.28 -7.67 11.09
N PRO A 13 1.62 -6.59 10.62
CA PRO A 13 0.46 -6.15 11.40
C PRO A 13 -0.62 -7.19 11.51
N GLY A 14 -1.32 -7.04 12.65
CA GLY A 14 -2.54 -7.76 12.87
C GLY A 14 -3.75 -7.18 12.16
N VAL A 15 -4.90 -7.56 12.69
CA VAL A 15 -6.20 -7.18 12.09
C VAL A 15 -6.48 -5.71 12.41
N VAL A 16 -6.87 -4.95 11.37
CA VAL A 16 -7.31 -3.59 11.51
C VAL A 16 -8.77 -3.36 11.02
N CYS A 17 -9.62 -2.88 11.89
CA CYS A 17 -11.05 -2.67 11.55
C CYS A 17 -11.28 -1.24 11.17
N ALA A 18 -12.31 -0.99 10.36
CA ALA A 18 -12.69 0.31 9.87
C ALA A 18 -13.59 1.13 10.75
N GLY A 19 -14.39 0.47 11.54
CA GLY A 19 -15.47 1.04 12.35
C GLY A 19 -16.75 1.38 11.60
N HIS A 20 -16.95 0.76 10.45
CA HIS A 20 -18.10 1.06 9.56
C HIS A 20 -19.35 0.51 10.21
N ASP A 21 -20.43 1.20 9.94
CA ASP A 21 -21.77 0.73 10.34
C ASP A 21 -22.36 -0.09 9.19
N ASN A 22 -22.30 -1.41 9.30
CA ASN A 22 -22.88 -2.35 8.37
C ASN A 22 -24.31 -2.64 8.57
N ASN A 23 -24.90 -2.03 9.61
CA ASN A 23 -26.30 -2.34 9.98
C ASN A 23 -27.15 -1.21 9.54
N GLN A 24 -26.82 -0.60 8.40
CA GLN A 24 -27.38 0.62 7.75
C GLN A 24 -27.24 0.37 6.23
N PRO A 25 -28.20 0.78 5.39
CA PRO A 25 -28.01 0.72 3.91
C PRO A 25 -26.78 1.50 3.48
N ASP A 26 -26.14 0.99 2.46
CA ASP A 26 -24.91 1.57 1.96
C ASP A 26 -25.13 2.94 1.36
N SER A 27 -24.23 3.88 1.61
CA SER A 27 -24.20 5.14 0.86
C SER A 27 -22.77 5.50 0.47
N PHE A 28 -22.58 6.29 -0.58
CA PHE A 28 -21.24 6.70 -0.99
C PHE A 28 -20.54 7.40 0.13
N ALA A 29 -21.17 8.29 0.83
CA ALA A 29 -20.49 9.15 1.80
C ALA A 29 -20.04 8.28 2.96
N ALA A 30 -20.86 7.34 3.40
CA ALA A 30 -20.46 6.52 4.55
C ALA A 30 -19.39 5.51 4.16
N LEU A 31 -19.47 4.91 3.01
CA LEU A 31 -18.43 3.98 2.55
C LEU A 31 -17.10 4.70 2.47
N LEU A 32 -17.06 5.90 1.92
CA LEU A 32 -15.78 6.57 1.69
C LEU A 32 -15.27 7.16 2.97
N SER A 33 -16.15 7.62 3.84
CA SER A 33 -15.69 8.11 5.17
C SER A 33 -15.04 6.92 5.93
N SER A 34 -15.61 5.72 5.81
CA SER A 34 -14.99 4.52 6.44
C SER A 34 -13.68 4.14 5.81
N LEU A 35 -13.57 4.21 4.49
CA LEU A 35 -12.29 3.92 3.81
C LEU A 35 -11.27 4.91 4.26
N ASN A 36 -11.61 6.17 4.44
CA ASN A 36 -10.67 7.18 4.89
C ASN A 36 -10.22 6.93 6.31
N GLU A 37 -11.13 6.56 7.20
CA GLU A 37 -10.77 6.21 8.59
C GLU A 37 -9.88 4.97 8.61
N LEU A 38 -10.24 3.98 7.83
CA LEU A 38 -9.40 2.74 7.72
C LEU A 38 -8.04 3.08 7.19
N GLY A 39 -7.93 3.98 6.22
CA GLY A 39 -6.60 4.40 5.68
C GLY A 39 -5.81 5.04 6.76
N GLU A 40 -6.33 5.85 7.60
CA GLU A 40 -5.60 6.49 8.73
C GLU A 40 -5.14 5.39 9.68
N ARG A 41 -6.01 4.44 10.02
CA ARG A 41 -5.59 3.37 10.98
C ARG A 41 -4.56 2.50 10.36
N GLN A 42 -4.63 2.11 9.10
CA GLN A 42 -3.60 1.36 8.42
C GLN A 42 -2.30 2.13 8.31
N LEU A 43 -2.35 3.43 8.16
CA LEU A 43 -1.08 4.22 8.10
C LEU A 43 -0.34 4.13 9.46
N VAL A 44 -0.99 4.22 10.60
CA VAL A 44 -0.39 4.07 11.91
C VAL A 44 0.32 2.69 12.01
N HIS A 45 -0.35 1.65 11.56
CA HIS A 45 0.30 0.33 11.55
C HIS A 45 1.41 0.23 10.59
N VAL A 46 1.34 0.86 9.43
CA VAL A 46 2.47 0.87 8.49
C VAL A 46 3.67 1.58 9.09
N VAL A 47 3.48 2.63 9.89
CA VAL A 47 4.61 3.30 10.53
C VAL A 47 5.31 2.38 11.53
N LYS A 48 4.52 1.73 12.36
CA LYS A 48 5.12 0.81 13.36
C LYS A 48 5.83 -0.33 12.74
N TRP A 49 5.28 -0.85 11.65
CA TRP A 49 5.91 -1.90 10.87
C TRP A 49 7.17 -1.45 10.18
N ALA A 50 7.16 -0.35 9.46
CA ALA A 50 8.32 0.08 8.73
C ALA A 50 9.52 0.34 9.67
N LYS A 51 9.24 1.02 10.78
CA LYS A 51 10.31 1.33 11.76
C LYS A 51 11.00 0.09 12.22
N ALA A 52 10.36 -1.07 12.17
CA ALA A 52 10.90 -2.35 12.67
C ALA A 52 11.54 -3.22 11.59
N LEU A 53 11.56 -2.73 10.34
CA LEU A 53 12.18 -3.48 9.25
C LEU A 53 13.71 -3.54 9.36
N PRO A 54 14.31 -4.68 9.02
CA PRO A 54 15.79 -4.72 8.94
C PRO A 54 16.38 -3.55 8.14
N GLY A 55 17.35 -2.81 8.72
CA GLY A 55 18.04 -1.75 8.01
C GLY A 55 17.33 -0.44 7.83
N PHE A 56 16.03 -0.34 8.16
CA PHE A 56 15.29 0.89 7.81
C PHE A 56 15.77 2.12 8.55
N ARG A 57 16.30 1.84 9.76
CA ARG A 57 16.78 2.93 10.60
C ARG A 57 18.13 3.49 10.15
N ASN A 58 18.64 2.91 9.23
CA ASN A 58 19.89 3.44 8.60
C ASN A 58 19.59 4.61 7.68
N LEU A 59 18.37 4.70 7.16
CA LEU A 59 18.05 5.79 6.28
C LEU A 59 18.00 7.08 7.06
N HIS A 60 18.30 8.18 6.41
CA HIS A 60 18.02 9.47 7.01
C HIS A 60 16.57 9.54 7.49
N VAL A 61 16.28 10.07 8.68
CA VAL A 61 14.93 10.19 9.17
C VAL A 61 13.97 10.87 8.20
N ASP A 62 14.40 11.91 7.48
CA ASP A 62 13.48 12.55 6.54
C ASP A 62 13.14 11.58 5.37
N ASP A 63 14.08 10.73 5.03
CA ASP A 63 13.87 9.73 3.96
C ASP A 63 12.96 8.60 4.46
N GLN A 64 13.12 8.19 5.70
CA GLN A 64 12.17 7.22 6.32
C GLN A 64 10.76 7.73 6.23
N MET A 65 10.50 8.98 6.59
CA MET A 65 9.16 9.50 6.56
C MET A 65 8.65 9.60 5.11
N ALA A 66 9.51 10.12 4.23
CA ALA A 66 9.10 10.34 2.86
C ALA A 66 8.68 9.01 2.20
N VAL A 67 9.51 7.98 2.34
CA VAL A 67 9.18 6.74 1.60
C VAL A 67 7.92 6.09 2.13
N ILE A 68 7.67 6.18 3.42
CA ILE A 68 6.40 5.67 3.93
C ILE A 68 5.24 6.45 3.35
N GLN A 69 5.29 7.77 3.31
CA GLN A 69 4.17 8.52 2.81
C GLN A 69 3.94 8.29 1.32
N TYR A 70 5.02 8.12 0.56
CA TYR A 70 4.83 7.87 -0.89
C TYR A 70 4.33 6.46 -1.22
N SER A 71 4.78 5.49 -0.43
CA SER A 71 4.50 4.06 -0.71
C SER A 71 3.29 3.52 -0.03
N TRP A 72 2.69 4.26 0.91
CA TRP A 72 1.58 3.76 1.70
C TRP A 72 0.45 3.16 0.87
N MET A 73 0.02 3.84 -0.13
CA MET A 73 -1.15 3.36 -0.91
C MET A 73 -0.79 1.99 -1.58
N GLY A 74 0.36 1.88 -2.21
CA GLY A 74 0.71 0.59 -2.77
C GLY A 74 0.88 -0.49 -1.79
N LEU A 75 1.46 -0.21 -0.63
CA LEU A 75 1.52 -1.21 0.48
C LEU A 75 0.14 -1.64 0.86
N MET A 76 -0.78 -0.71 0.99
CA MET A 76 -2.14 -1.07 1.40
C MET A 76 -2.84 -1.86 0.36
N VAL A 77 -2.70 -1.52 -0.94
CA VAL A 77 -3.30 -2.27 -2.03
C VAL A 77 -2.83 -3.71 -2.03
N PHE A 78 -1.53 -3.91 -1.86
CA PHE A 78 -0.94 -5.25 -1.99
C PHE A 78 -1.39 -6.09 -0.79
N ALA A 79 -1.39 -5.54 0.42
CA ALA A 79 -1.83 -6.28 1.61
C ALA A 79 -3.33 -6.59 1.49
N MET A 80 -4.14 -5.67 0.96
CA MET A 80 -5.58 -5.93 0.87
C MET A 80 -5.80 -7.00 -0.14
N GLY A 81 -5.07 -7.01 -1.25
CA GLY A 81 -5.21 -8.08 -2.24
C GLY A 81 -4.87 -9.45 -1.65
N TRP A 82 -3.89 -9.51 -0.80
CA TRP A 82 -3.51 -10.78 -0.11
C TRP A 82 -4.59 -11.18 0.86
N ARG A 83 -5.12 -10.28 1.69
CA ARG A 83 -6.24 -10.62 2.60
C ARG A 83 -7.41 -11.07 1.81
N SER A 84 -7.70 -10.50 0.68
CA SER A 84 -8.86 -10.89 -0.09
C SER A 84 -8.65 -12.32 -0.56
N PHE A 85 -7.47 -12.65 -1.04
CA PHE A 85 -7.14 -14.03 -1.46
C PHE A 85 -7.21 -14.99 -0.30
N THR A 86 -6.60 -14.68 0.81
CA THR A 86 -6.54 -15.63 1.94
C THR A 86 -7.86 -15.80 2.65
N ASN A 87 -8.68 -14.78 2.71
CA ASN A 87 -9.87 -14.85 3.59
C ASN A 87 -11.08 -15.18 2.80
N VAL A 88 -11.21 -14.78 1.56
CA VAL A 88 -12.47 -14.95 0.80
C VAL A 88 -12.20 -15.48 -0.61
N ASN A 89 -11.00 -16.06 -0.88
CA ASN A 89 -10.63 -16.55 -2.19
C ASN A 89 -10.92 -15.60 -3.35
N SER A 90 -10.63 -14.32 -3.03
CA SER A 90 -10.77 -13.23 -3.98
C SER A 90 -12.21 -12.96 -4.44
N ALA A 91 -13.22 -13.46 -3.72
CA ALA A 91 -14.62 -13.30 -4.20
C ALA A 91 -15.12 -11.86 -3.92
N MET A 92 -14.49 -11.21 -2.94
CA MET A 92 -14.79 -9.83 -2.57
C MET A 92 -13.50 -9.18 -2.13
N LEU A 93 -13.54 -7.86 -2.03
CA LEU A 93 -12.35 -7.12 -1.51
C LEU A 93 -12.43 -6.92 -0.03
N TYR A 94 -11.48 -7.53 0.67
CA TYR A 94 -11.44 -7.57 2.13
C TYR A 94 -10.63 -6.39 2.65
N PHE A 95 -11.20 -5.20 2.60
CA PHE A 95 -10.52 -4.07 3.15
C PHE A 95 -10.25 -4.24 4.63
N ALA A 96 -11.27 -4.75 5.36
CA ALA A 96 -11.21 -4.97 6.77
C ALA A 96 -12.33 -5.98 7.08
N PRO A 97 -12.26 -6.62 8.28
CA PRO A 97 -13.34 -7.60 8.57
C PRO A 97 -14.74 -6.97 8.56
N ASP A 98 -14.82 -5.68 8.88
CA ASP A 98 -16.06 -4.90 8.87
C ASP A 98 -16.21 -4.01 7.65
N LEU A 99 -15.40 -4.23 6.61
CA LEU A 99 -15.49 -3.41 5.41
C LEU A 99 -15.12 -4.31 4.22
N VAL A 100 -16.05 -5.15 3.83
CA VAL A 100 -15.86 -6.14 2.79
C VAL A 100 -16.71 -5.72 1.59
N PHE A 101 -16.12 -5.51 0.43
CA PHE A 101 -16.81 -4.98 -0.77
C PHE A 101 -17.16 -6.08 -1.71
N ASN A 102 -18.45 -6.29 -1.87
CA ASN A 102 -18.96 -7.00 -3.05
C ASN A 102 -19.03 -6.04 -4.24
N GLU A 103 -19.43 -6.54 -5.44
CA GLU A 103 -19.43 -5.67 -6.60
C GLU A 103 -20.36 -4.48 -6.51
N TYR A 104 -21.52 -4.68 -5.82
CA TYR A 104 -22.40 -3.58 -5.57
C TYR A 104 -21.69 -2.43 -4.84
N ARG A 105 -20.96 -2.80 -3.78
CA ARG A 105 -20.16 -1.75 -3.07
C ARG A 105 -19.05 -1.16 -3.91
N MET A 106 -18.42 -1.97 -4.71
CA MET A 106 -17.45 -1.43 -5.64
C MET A 106 -18.03 -0.36 -6.52
N HIS A 107 -19.24 -0.59 -7.02
CA HIS A 107 -19.92 0.41 -7.83
C HIS A 107 -20.35 1.62 -7.03
N LYS A 108 -20.93 1.38 -5.87
CA LYS A 108 -21.43 2.46 -5.02
C LYS A 108 -20.30 3.40 -4.55
N SER A 109 -19.11 2.83 -4.38
CA SER A 109 -17.95 3.65 -3.99
C SER A 109 -17.40 4.60 -5.02
N ARG A 110 -17.87 4.50 -6.26
CA ARG A 110 -17.33 5.30 -7.38
C ARG A 110 -15.84 5.06 -7.72
N MET A 111 -15.37 3.91 -7.22
CA MET A 111 -14.00 3.41 -7.42
C MET A 111 -14.04 2.07 -8.13
N TYR A 112 -15.00 1.87 -9.03
CA TYR A 112 -15.28 0.52 -9.54
C TYR A 112 -14.07 0.00 -10.34
N SER A 113 -13.51 0.79 -11.28
CA SER A 113 -12.39 0.32 -12.08
C SER A 113 -11.20 -0.05 -11.24
N GLN A 114 -10.93 0.77 -10.21
CA GLN A 114 -9.79 0.46 -9.34
C GLN A 114 -10.03 -0.82 -8.57
N CYS A 115 -11.31 -1.01 -8.10
CA CYS A 115 -11.63 -2.21 -7.42
C CYS A 115 -11.52 -3.46 -8.26
N VAL A 116 -11.97 -3.38 -9.49
CA VAL A 116 -11.81 -4.57 -10.37
C VAL A 116 -10.33 -4.94 -10.56
N ARG A 117 -9.52 -3.91 -10.69
CA ARG A 117 -8.05 -4.16 -10.87
C ARG A 117 -7.45 -4.74 -9.59
N MET A 118 -7.93 -4.31 -8.42
CA MET A 118 -7.50 -4.93 -7.17
C MET A 118 -7.97 -6.36 -6.97
N ARG A 119 -9.19 -6.67 -7.48
CA ARG A 119 -9.68 -8.04 -7.42
C ARG A 119 -8.82 -8.94 -8.33
N HIS A 120 -8.43 -8.39 -9.49
CA HIS A 120 -7.55 -9.13 -10.39
C HIS A 120 -6.20 -9.39 -9.69
N LEU A 121 -5.64 -8.36 -9.03
CA LEU A 121 -4.41 -8.57 -8.26
C LEU A 121 -4.58 -9.68 -7.23
N SER A 122 -5.70 -9.65 -6.49
CA SER A 122 -5.97 -10.71 -5.54
C SER A 122 -5.94 -12.09 -6.16
N GLN A 123 -6.61 -12.21 -7.29
CA GLN A 123 -6.63 -13.50 -8.01
C GLN A 123 -5.27 -14.00 -8.42
N GLU A 124 -4.39 -13.05 -8.80
CA GLU A 124 -3.02 -13.37 -9.17
C GLU A 124 -2.24 -14.05 -8.06
N PHE A 125 -2.50 -13.72 -6.81
CA PHE A 125 -1.87 -14.38 -5.72
C PHE A 125 -2.11 -15.90 -5.79
N GLY A 126 -3.38 -16.24 -6.16
CA GLY A 126 -3.73 -17.67 -6.38
C GLY A 126 -3.16 -18.26 -7.64
N TRP A 127 -3.33 -17.57 -8.76
CA TRP A 127 -2.89 -18.03 -10.04
C TRP A 127 -1.39 -18.27 -10.07
N LEU A 128 -0.60 -17.36 -9.47
CA LEU A 128 0.84 -17.49 -9.45
C LEU A 128 1.35 -18.32 -8.25
N GLN A 129 0.45 -18.80 -7.41
CA GLN A 129 0.79 -19.64 -6.24
C GLN A 129 1.82 -18.89 -5.36
N ILE A 130 1.56 -17.59 -5.10
CA ILE A 130 2.43 -16.80 -4.23
C ILE A 130 2.44 -17.39 -2.84
N THR A 131 3.66 -17.62 -2.32
CA THR A 131 3.76 -18.19 -0.99
C THR A 131 3.67 -17.09 0.08
N PRO A 132 3.37 -17.43 1.30
CA PRO A 132 3.32 -16.37 2.33
C PRO A 132 4.67 -15.69 2.53
N GLN A 133 5.75 -16.38 2.25
CA GLN A 133 7.07 -15.81 2.40
C GLN A 133 7.42 -14.88 1.26
N GLU A 134 7.07 -15.23 0.03
CA GLU A 134 7.14 -14.31 -1.10
C GLU A 134 6.31 -13.10 -0.85
N PHE A 135 5.09 -13.25 -0.35
CA PHE A 135 4.26 -12.10 -0.04
C PHE A 135 4.94 -11.16 0.89
N LEU A 136 5.50 -11.66 2.01
CA LEU A 136 6.10 -10.80 2.98
C LEU A 136 7.29 -10.03 2.41
N CYS A 137 8.18 -10.65 1.60
CA CYS A 137 9.37 -10.05 0.99
C CYS A 137 9.01 -9.03 -0.09
N MET A 138 7.94 -9.32 -0.84
CA MET A 138 7.47 -8.43 -1.91
C MET A 138 6.84 -7.16 -1.36
N LYS A 139 6.12 -7.38 -0.17
CA LYS A 139 5.47 -6.21 0.45
C LYS A 139 6.53 -5.30 0.99
N ALA A 140 7.57 -5.86 1.65
CA ALA A 140 8.66 -5.03 2.13
C ALA A 140 9.33 -4.27 0.98
N LEU A 141 9.55 -4.93 -0.17
CA LEU A 141 10.15 -4.27 -1.28
C LEU A 141 9.30 -3.13 -1.81
N LEU A 142 7.97 -3.17 -1.65
CA LEU A 142 7.12 -2.08 -2.10
C LEU A 142 7.38 -0.78 -1.34
N LEU A 143 7.91 -0.87 -0.11
CA LEU A 143 8.28 0.34 0.64
C LEU A 143 9.40 1.11 -0.08
N PHE A 144 10.25 0.37 -0.81
CA PHE A 144 11.44 0.88 -1.45
C PHE A 144 11.22 1.02 -2.97
N SER A 145 10.02 1.28 -3.42
CA SER A 145 9.72 1.26 -4.85
C SER A 145 9.15 2.55 -5.37
N ILE A 146 9.24 3.68 -4.66
CA ILE A 146 8.75 5.00 -5.16
C ILE A 146 9.54 6.11 -4.52
N ILE A 147 10.17 6.96 -5.33
CA ILE A 147 11.06 7.97 -4.77
C ILE A 147 11.01 9.28 -5.61
N PRO A 148 11.50 10.39 -5.01
CA PRO A 148 11.58 11.68 -5.71
C PRO A 148 12.62 11.75 -6.82
N VAL A 149 12.24 12.29 -7.96
CA VAL A 149 13.16 12.54 -9.07
C VAL A 149 14.36 13.43 -8.59
N ASP A 150 14.15 14.34 -7.66
CA ASP A 150 15.23 15.22 -7.20
C ASP A 150 16.12 14.59 -6.15
N GLY A 151 15.82 13.35 -5.78
CA GLY A 151 16.69 12.64 -4.89
C GLY A 151 16.29 12.66 -3.42
N LEU A 152 16.56 11.57 -2.76
CA LEU A 152 16.42 11.52 -1.29
C LEU A 152 17.59 12.22 -0.61
N LYS A 153 17.47 12.52 0.67
CA LYS A 153 18.57 13.15 1.41
C LYS A 153 19.80 12.31 1.40
N ASN A 154 19.67 10.99 1.62
CA ASN A 154 20.80 10.08 1.49
C ASN A 154 20.38 8.96 0.54
N GLN A 155 20.48 9.27 -0.71
CA GLN A 155 20.02 8.36 -1.73
C GLN A 155 20.83 7.08 -1.78
N LYS A 156 22.13 7.17 -1.52
CA LYS A 156 22.98 6.01 -1.58
C LYS A 156 22.62 4.96 -0.56
N PHE A 157 22.25 5.40 0.64
CA PHE A 157 21.81 4.43 1.69
C PHE A 157 20.46 3.77 1.31
N PHE A 158 19.56 4.53 0.70
CA PHE A 158 18.33 3.94 0.17
C PHE A 158 18.65 2.88 -0.91
N ASP A 159 19.52 3.20 -1.87
CA ASP A 159 19.83 2.25 -2.93
C ASP A 159 20.41 0.95 -2.41
N GLU A 160 21.27 1.08 -1.42
CA GLU A 160 21.88 -0.12 -0.78
C GLU A 160 20.82 -0.94 -0.08
N LEU A 161 19.90 -0.29 0.64
CA LEU A 161 18.89 -1.06 1.37
C LEU A 161 17.94 -1.73 0.39
N ARG A 162 17.56 -1.08 -0.71
CA ARG A 162 16.68 -1.68 -1.73
C ARG A 162 17.34 -2.91 -2.36
N MET A 163 18.63 -2.76 -2.65
CA MET A 163 19.36 -3.88 -3.18
C MET A 163 19.42 -5.05 -2.24
N ASN A 164 19.57 -4.80 -0.95
CA ASN A 164 19.59 -5.89 0.00
C ASN A 164 18.25 -6.62 0.05
N TYR A 165 17.13 -5.86 -0.06
CA TYR A 165 15.80 -6.51 -0.09
C TYR A 165 15.60 -7.34 -1.35
N ILE A 166 16.14 -6.84 -2.48
CA ILE A 166 16.09 -7.63 -3.71
C ILE A 166 16.92 -8.94 -3.56
N LYS A 167 18.07 -8.83 -2.91
CA LYS A 167 18.85 -10.04 -2.64
C LYS A 167 18.09 -11.05 -1.79
N GLU A 168 17.32 -10.57 -0.79
CA GLU A 168 16.55 -11.47 0.04
C GLU A 168 15.43 -12.14 -0.76
N LEU A 169 14.85 -11.41 -1.73
CA LEU A 169 13.85 -12.00 -2.57
C LEU A 169 14.51 -13.10 -3.46
N ASP A 170 15.72 -12.83 -4.00
CA ASP A 170 16.45 -13.85 -4.78
C ASP A 170 16.69 -15.12 -3.92
N ARG A 171 17.05 -14.94 -2.67
CA ARG A 171 17.30 -16.07 -1.75
C ARG A 171 16.04 -16.89 -1.45
N ILE A 172 14.89 -16.23 -1.32
CA ILE A 172 13.63 -16.90 -1.14
C ILE A 172 13.29 -17.67 -2.38
N ILE A 173 13.47 -17.12 -3.58
CA ILE A 173 13.18 -17.84 -4.84
C ILE A 173 14.10 -19.05 -4.97
N ALA A 174 15.36 -18.92 -4.59
CA ALA A 174 16.33 -20.00 -4.78
C ALA A 174 16.08 -21.06 -3.72
N SER A 182 14.82 -21.70 -13.71
CA SER A 182 13.59 -21.75 -12.86
C SER A 182 13.53 -20.54 -11.89
N CYS A 183 14.67 -20.16 -11.34
CA CYS A 183 14.77 -18.92 -10.51
C CYS A 183 14.43 -17.71 -11.37
N SER A 184 14.94 -17.62 -12.60
CA SER A 184 14.64 -16.48 -13.43
C SER A 184 13.20 -16.35 -13.81
N ARG A 185 12.59 -17.48 -14.15
CA ARG A 185 11.18 -17.46 -14.50
C ARG A 185 10.36 -16.88 -13.31
N ARG A 186 10.70 -17.32 -12.10
CA ARG A 186 9.94 -16.86 -10.92
C ARG A 186 10.22 -15.38 -10.69
N PHE A 187 11.42 -14.94 -10.81
CA PHE A 187 11.74 -13.53 -10.65
C PHE A 187 10.96 -12.68 -11.63
N TYR A 188 10.87 -13.12 -12.89
CA TYR A 188 10.10 -12.41 -13.88
C TYR A 188 8.63 -12.28 -13.40
N GLN A 189 8.03 -13.37 -12.95
CA GLN A 189 6.61 -13.38 -12.53
C GLN A 189 6.41 -12.39 -11.37
N LEU A 190 7.28 -12.48 -10.40
CA LEU A 190 7.08 -11.67 -9.16
C LEU A 190 7.31 -10.22 -9.48
N THR A 191 8.31 -9.87 -10.28
CA THR A 191 8.52 -8.44 -10.63
C THR A 191 7.44 -7.85 -11.52
N LYS A 192 6.86 -8.66 -12.42
CA LYS A 192 5.67 -8.22 -13.12
C LYS A 192 4.53 -7.94 -12.15
N LEU A 193 4.34 -8.80 -11.17
CA LEU A 193 3.27 -8.56 -10.18
C LEU A 193 3.53 -7.32 -9.38
N LEU A 194 4.75 -7.13 -8.92
CA LEU A 194 5.11 -5.90 -8.19
C LEU A 194 4.83 -4.65 -9.01
N ASP A 195 5.18 -4.65 -10.33
CA ASP A 195 4.99 -3.51 -11.22
C ASP A 195 3.52 -3.18 -11.45
N SER A 196 2.69 -4.25 -11.26
CA SER A 196 1.23 -4.05 -11.46
C SER A 196 0.57 -3.30 -10.36
N VAL A 197 1.17 -3.27 -9.19
CA VAL A 197 0.66 -2.48 -8.07
C VAL A 197 0.65 -1.00 -8.36
N GLN A 198 1.67 -0.53 -9.07
CA GLN A 198 1.90 0.90 -9.21
C GLN A 198 0.80 1.65 -9.97
N PRO A 199 0.31 1.12 -11.10
CA PRO A 199 -0.78 1.84 -11.78
C PRO A 199 -2.05 1.87 -10.95
N ILE A 200 -2.31 0.82 -10.14
CA ILE A 200 -3.50 0.79 -9.28
C ILE A 200 -3.33 1.85 -8.22
N ALA A 201 -2.17 1.92 -7.56
CA ALA A 201 -1.93 2.94 -6.57
C ALA A 201 -2.03 4.36 -7.19
N ARG A 202 -1.58 4.53 -8.44
CA ARG A 202 -1.72 5.78 -9.19
C ARG A 202 -3.18 6.20 -9.33
N GLU A 203 -4.01 5.29 -9.70
CA GLU A 203 -5.47 5.55 -9.89
C GLU A 203 -6.17 5.82 -8.57
N LEU A 204 -5.78 5.15 -7.51
CA LEU A 204 -6.31 5.43 -6.14
C LEU A 204 -5.85 6.77 -5.63
N HIS A 205 -4.58 7.10 -5.88
CA HIS A 205 -4.11 8.48 -5.54
C HIS A 205 -4.95 9.58 -6.24
N GLN A 206 -5.23 9.34 -7.53
CA GLN A 206 -6.00 10.33 -8.28
C GLN A 206 -7.38 10.48 -7.70
N PHE A 207 -8.02 9.32 -7.46
CA PHE A 207 -9.38 9.34 -6.85
C PHE A 207 -9.40 10.04 -5.48
N ALA A 208 -8.44 9.69 -4.64
CA ALA A 208 -8.37 10.23 -3.28
C ALA A 208 -8.20 11.75 -3.31
N PHE A 209 -7.31 12.20 -4.16
CA PHE A 209 -7.07 13.63 -4.38
C PHE A 209 -8.34 14.33 -4.82
N ASP A 210 -8.95 13.81 -5.89
CA ASP A 210 -10.19 14.47 -6.37
C ASP A 210 -11.26 14.52 -5.30
N LEU A 211 -11.35 13.44 -4.52
CA LEU A 211 -12.38 13.35 -3.46
C LEU A 211 -12.05 14.37 -2.41
N LEU A 212 -10.81 14.52 -1.97
CA LEU A 212 -10.47 15.53 -0.96
C LEU A 212 -10.87 16.93 -1.42
N ILE A 213 -10.57 17.24 -2.68
CA ILE A 213 -10.87 18.57 -3.21
C ILE A 213 -12.38 18.82 -3.17
N LYS A 214 -13.20 17.80 -3.44
CA LYS A 214 -14.68 17.99 -3.40
C LYS A 214 -15.34 17.49 -2.15
N SER A 215 -14.58 17.26 -1.10
CA SER A 215 -15.15 16.50 0.05
C SER A 215 -16.31 17.22 0.75
N HIS A 216 -16.21 18.53 0.86
CA HIS A 216 -17.35 19.28 1.43
C HIS A 216 -18.61 19.17 0.59
N MET A 217 -18.50 19.04 -0.73
CA MET A 217 -19.68 18.94 -1.60
C MET A 217 -20.39 17.60 -1.48
N VAL A 218 -19.63 16.54 -1.14
CA VAL A 218 -20.16 15.19 -1.11
C VAL A 218 -20.23 14.61 0.30
N SER A 219 -20.04 15.43 1.33
CA SER A 219 -20.17 14.99 2.72
C SER A 219 -19.26 13.80 3.10
N VAL A 220 -18.00 13.85 2.67
CA VAL A 220 -17.06 12.80 3.04
C VAL A 220 -16.06 13.35 4.01
N ASP A 221 -15.88 12.65 5.14
CA ASP A 221 -14.96 13.06 6.11
C ASP A 221 -13.55 12.49 5.89
N PHE A 222 -12.56 13.36 5.97
CA PHE A 222 -11.16 12.98 5.98
C PHE A 222 -10.50 13.30 7.33
N PRO A 223 -9.90 12.29 7.96
CA PRO A 223 -9.12 12.55 9.15
C PRO A 223 -7.91 13.45 8.82
N GLU A 224 -7.39 14.12 9.83
CA GLU A 224 -6.27 15.08 9.68
C GLU A 224 -5.07 14.54 8.92
N MET A 225 -4.51 13.40 9.25
CA MET A 225 -3.30 12.88 8.61
C MET A 225 -3.55 12.49 7.16
N MET A 226 -4.72 11.93 6.87
CA MET A 226 -5.11 11.62 5.52
C MET A 226 -5.20 12.96 4.71
N ALA A 227 -5.86 13.99 5.22
CA ALA A 227 -6.02 15.24 4.48
C ALA A 227 -4.62 15.83 4.22
N GLU A 228 -3.72 15.77 5.19
CA GLU A 228 -2.38 16.30 5.02
C GLU A 228 -1.63 15.55 3.99
N ILE A 229 -1.59 14.23 4.06
CA ILE A 229 -0.81 13.49 3.13
C ILE A 229 -1.34 13.60 1.65
N ILE A 230 -2.66 13.57 1.47
CA ILE A 230 -3.26 13.67 0.18
C ILE A 230 -3.05 15.09 -0.46
N SER A 231 -2.96 16.10 0.39
CA SER A 231 -2.71 17.47 -0.12
C SER A 231 -1.25 17.87 -0.25
N VAL A 232 -0.33 17.25 0.47
CA VAL A 232 1.10 17.62 0.52
C VAL A 232 1.95 16.67 -0.24
N GLN A 233 1.74 15.35 -0.07
CA GLN A 233 2.59 14.37 -0.68
C GLN A 233 2.04 13.75 -1.91
N VAL A 234 0.77 13.40 -1.92
CA VAL A 234 0.16 12.79 -3.07
C VAL A 234 0.32 13.63 -4.36
N PRO A 235 0.12 14.96 -4.32
CA PRO A 235 0.26 15.71 -5.56
C PRO A 235 1.68 15.71 -6.12
N LYS A 236 2.70 15.43 -5.30
CA LYS A 236 4.06 15.27 -5.86
C LYS A 236 4.11 14.08 -6.74
N ILE A 237 3.39 13.02 -6.40
CA ILE A 237 3.29 11.84 -7.26
C ILE A 237 2.47 12.12 -8.53
N LEU A 238 1.34 12.76 -8.39
CA LEU A 238 0.43 13.05 -9.51
C LEU A 238 1.06 14.03 -10.51
N SER A 239 1.90 14.93 -10.02
CA SER A 239 2.56 15.95 -10.85
C SER A 239 3.88 15.43 -11.39
N GLY A 240 4.27 14.17 -11.13
CA GLY A 240 5.47 13.53 -11.68
C GLY A 240 6.75 13.90 -11.02
N LYS A 241 6.72 14.48 -9.87
CA LYS A 241 7.93 14.76 -9.10
C LYS A 241 8.45 13.55 -8.31
N VAL A 242 7.55 12.62 -8.01
CA VAL A 242 7.86 11.37 -7.31
C VAL A 242 7.36 10.25 -8.18
N LYS A 243 8.22 9.27 -8.50
CA LYS A 243 7.90 8.25 -9.48
C LYS A 243 8.22 6.86 -8.99
N PRO A 244 7.42 5.85 -9.41
CA PRO A 244 7.78 4.50 -9.08
C PRO A 244 9.05 4.03 -9.73
N ILE A 245 9.66 3.04 -9.11
CA ILE A 245 10.77 2.32 -9.71
C ILE A 245 10.20 1.05 -10.30
N TYR A 246 10.09 0.99 -11.63
CA TYR A 246 9.58 -0.17 -12.32
C TYR A 246 10.70 -1.14 -12.66
N PHE A 247 10.39 -2.43 -12.58
CA PHE A 247 11.29 -3.44 -13.13
C PHE A 247 11.23 -3.52 -14.64
N HIS A 248 10.08 -3.52 -15.20
CA HIS A 248 9.90 -3.77 -16.65
C HIS A 248 9.43 -2.49 -17.25
N THR A 249 9.44 -2.37 -18.55
CA THR A 249 9.07 -1.05 -19.07
C THR A 249 7.54 -1.09 -19.36
N GLN A 250 6.76 -0.04 -19.10
CA GLN A 250 7.08 1.15 -18.28
C GLN A 250 8.45 1.81 -18.46
N SER B 3 4.31 18.82 10.86
CA SER B 3 3.27 18.03 10.18
C SER B 3 2.67 16.97 11.12
N ALA B 4 1.41 16.61 10.94
CA ALA B 4 0.78 15.58 11.73
C ALA B 4 1.49 14.22 11.55
N PHE B 5 1.90 13.89 10.31
CA PHE B 5 2.64 12.67 10.13
C PHE B 5 3.96 12.66 10.89
N SER B 6 4.69 13.74 10.81
CA SER B 6 6.04 13.79 11.46
C SER B 6 5.89 13.77 12.98
N ARG B 7 4.83 14.36 13.45
CA ARG B 7 4.59 14.28 14.92
C ARG B 7 4.33 12.83 15.32
N LEU B 8 3.50 12.12 14.56
CA LEU B 8 3.27 10.70 14.80
C LEU B 8 4.61 9.88 14.73
N TYR B 9 5.39 10.16 13.70
CA TYR B 9 6.63 9.39 13.44
C TYR B 9 7.65 9.58 14.53
N THR B 10 7.79 10.80 15.03
CA THR B 10 8.79 11.16 16.06
C THR B 10 8.34 10.84 17.48
N ARG B 11 7.17 10.23 17.68
CA ARG B 11 6.80 9.67 18.99
C ARG B 11 7.76 8.55 19.42
F1 HFT C . -6.97 0.62 -1.69
C7 HFT C . -6.56 0.07 -0.58
F2 HFT C . -5.26 0.07 -0.54
F3 HFT C . -6.99 -1.17 -0.60
C3 HFT C . -7.09 0.80 0.60
C2 HFT C . -7.58 2.11 0.47
C4 HFT C . -7.18 0.27 1.93
N1 HFT C . -6.72 -1.01 2.19
O2 HFT C . -7.39 -1.72 3.16
O1 HFT C . -5.74 -1.50 1.72
C5 HFT C . -7.72 0.98 2.99
C6 HFT C . -8.14 2.24 2.76
C1 HFT C . -8.08 2.85 1.54
N9 HFT C . -8.57 4.17 1.45
C10 HFT C . -8.52 4.96 0.36
O10 HFT C . -8.01 4.65 -0.74
C11 HFT C . -9.02 6.32 0.46
C12 HFT C . -8.03 7.43 0.67
C13 HFT C . -10.15 6.62 -0.43
O11 HFT C . -9.73 6.33 1.78
S SO4 D . -25.43 6.99 -3.35
O1 SO4 D . -26.83 7.49 -3.25
O2 SO4 D . -24.53 7.58 -4.39
O3 SO4 D . -24.81 6.08 -2.32
O4 SO4 D . -25.12 7.99 -2.28
#